data_3Q3W
#
_entry.id   3Q3W
#
_cell.length_a   74.496
_cell.length_b   151.937
_cell.length_c   32.719
_cell.angle_alpha   90.000
_cell.angle_beta   90.000
_cell.angle_gamma   90.000
#
_symmetry.space_group_name_H-M   'P 21 21 2'
#
loop_
_entity.id
_entity.type
_entity.pdbx_description
1 polymer '3-isopropylmalate dehydratase small subunit'
2 water water
#
_entity_poly.entity_id   1
_entity_poly.type   'polypeptide(L)'
_entity_poly.pdbx_seq_one_letter_code
;SNA(MSE)QKFIIHKGIACPLEYANIDTDQIIPKQFLLAVSKQGFGKHLFHDLRYLDDKESVLN(MSE)DFNLNKKEYQN
SSILVSFENFGSGSSREHAPWALVDYGIRAIIAPSFADIFKNNALGNGLLTIELAKDEVLEIVDELKKSQDKNIEISLLE
KRVFFKDKIFSFDLDDFHRICLLEGLDNIALTLKHEAQIKAYEKNSKSFLV
;
_entity_poly.pdbx_strand_id   A,B
#
# COMPACT_ATOMS: atom_id res chain seq x y z
N ALA A 3 -15.69 2.04 -5.19
CA ALA A 3 -16.34 1.71 -6.50
C ALA A 3 -17.51 0.75 -6.23
N GLN A 5 -21.30 -1.19 -7.06
CA GLN A 5 -22.10 -1.87 -8.04
C GLN A 5 -23.46 -2.12 -7.39
N LYS A 6 -24.51 -1.97 -8.16
CA LYS A 6 -25.86 -2.26 -7.68
C LYS A 6 -26.06 -3.70 -7.23
N PHE A 7 -26.69 -3.90 -6.07
CA PHE A 7 -27.15 -5.23 -5.65
C PHE A 7 -28.63 -5.12 -5.24
N ILE A 8 -29.49 -5.81 -5.98
CA ILE A 8 -30.93 -5.85 -5.69
C ILE A 8 -31.22 -7.33 -5.41
N ILE A 9 -31.21 -8.13 -6.49
CA ILE A 9 -31.45 -9.58 -6.44
CA ILE A 9 -31.41 -9.57 -6.39
C ILE A 9 -30.25 -10.20 -7.12
N HIS A 10 -29.63 -11.21 -6.51
CA HIS A 10 -28.56 -11.96 -7.16
C HIS A 10 -28.71 -13.46 -6.90
N LYS A 11 -28.57 -14.25 -7.96
CA LYS A 11 -28.61 -15.71 -7.87
C LYS A 11 -27.32 -16.18 -8.52
N GLY A 12 -26.57 -17.03 -7.82
CA GLY A 12 -25.35 -17.61 -8.38
C GLY A 12 -24.78 -18.75 -7.55
N ILE A 13 -23.70 -19.29 -8.06
CA ILE A 13 -23.01 -20.39 -7.46
C ILE A 13 -22.37 -19.96 -6.15
N ALA A 14 -22.71 -20.66 -5.07
CA ALA A 14 -22.12 -20.40 -3.76
C ALA A 14 -21.08 -21.48 -3.42
N CYS A 15 -20.04 -21.07 -2.70
CA CYS A 15 -18.89 -21.91 -2.38
C CYS A 15 -18.61 -21.81 -0.90
N PRO A 16 -18.61 -22.95 -0.20
CA PRO A 16 -18.36 -22.90 1.22
C PRO A 16 -16.88 -22.94 1.53
N LEU A 17 -16.44 -22.07 2.42
CA LEU A 17 -15.04 -22.06 2.86
C LEU A 17 -15.03 -22.21 4.40
N GLU A 18 -14.80 -23.43 4.84
CA GLU A 18 -14.98 -23.81 6.24
C GLU A 18 -13.73 -23.45 7.03
N TYR A 19 -13.49 -22.14 7.09
CA TYR A 19 -12.44 -21.58 7.90
C TYR A 19 -13.05 -20.41 8.71
N ALA A 20 -12.59 -20.26 9.94
CA ALA A 20 -12.95 -19.10 10.78
C ALA A 20 -11.81 -18.12 10.68
N ASN A 21 -12.10 -16.88 11.02
CA ASN A 21 -11.09 -15.85 11.07
C ASN A 21 -10.28 -15.76 9.76
N ILE A 22 -10.94 -15.93 8.60
CA ILE A 22 -10.24 -15.70 7.32
C ILE A 22 -9.75 -14.24 7.37
N ASP A 23 -8.44 -14.06 7.31
CA ASP A 23 -7.86 -12.77 7.47
C ASP A 23 -7.43 -12.11 6.13
N THR A 24 -7.08 -10.83 6.23
CA THR A 24 -6.88 -10.00 5.08
C THR A 24 -5.71 -10.53 4.28
N ASP A 25 -4.73 -11.13 4.94
CA ASP A 25 -3.61 -11.78 4.23
C ASP A 25 -3.97 -13.07 3.49
N GLN A 26 -4.94 -13.81 4.00
CA GLN A 26 -5.47 -14.95 3.28
C GLN A 26 -6.25 -14.47 2.08
N ILE A 27 -7.02 -13.40 2.25
CA ILE A 27 -7.80 -12.84 1.14
C ILE A 27 -6.85 -12.35 0.01
N ILE A 28 -5.82 -11.60 0.37
CA ILE A 28 -4.88 -11.10 -0.61
C ILE A 28 -3.60 -10.69 0.09
N PRO A 29 -2.52 -11.39 -0.24
CA PRO A 29 -1.26 -11.18 0.42
C PRO A 29 -0.63 -9.82 0.08
N LYS A 30 0.32 -9.41 0.91
CA LYS A 30 0.91 -8.08 0.90
C LYS A 30 1.69 -7.76 -0.36
N GLN A 31 2.30 -8.76 -1.00
CA GLN A 31 3.03 -8.56 -2.26
C GLN A 31 2.19 -8.06 -3.49
N PHE A 32 0.88 -8.10 -3.38
CA PHE A 32 -0.01 -7.66 -4.48
C PHE A 32 -0.75 -6.36 -4.24
N LEU A 33 -0.43 -5.65 -3.18
CA LEU A 33 -1.24 -4.50 -2.77
C LEU A 33 -0.83 -3.22 -3.48
N LEU A 34 -0.79 -3.34 -4.79
CA LEU A 34 -0.41 -2.26 -5.65
C LEU A 34 -1.42 -1.13 -5.52
N ALA A 35 -0.89 0.09 -5.45
CA ALA A 35 -1.69 1.27 -5.17
C ALA A 35 -2.55 1.58 -6.37
N VAL A 36 -1.99 1.29 -7.54
CA VAL A 36 -2.63 1.47 -8.84
C VAL A 36 -2.33 0.22 -9.65
N SER A 37 -3.38 -0.43 -10.13
CA SER A 37 -3.23 -1.47 -11.15
C SER A 37 -4.25 -1.25 -12.28
N LYS A 38 -4.00 -1.97 -13.38
CA LYS A 38 -4.85 -1.93 -14.58
C LYS A 38 -5.71 -3.19 -14.72
N GLN A 39 -5.37 -4.23 -13.97
CA GLN A 39 -5.83 -5.60 -14.26
C GLN A 39 -6.75 -6.16 -13.16
N GLY A 40 -6.89 -5.43 -12.06
CA GLY A 40 -7.65 -5.97 -10.93
C GLY A 40 -6.86 -7.01 -10.14
N PHE A 41 -7.51 -7.56 -9.14
CA PHE A 41 -6.82 -8.32 -8.15
C PHE A 41 -7.39 -9.72 -8.03
N GLY A 42 -8.32 -10.09 -8.91
CA GLY A 42 -9.01 -11.35 -8.69
C GLY A 42 -8.11 -12.56 -8.75
N LYS A 43 -7.09 -12.52 -9.58
CA LYS A 43 -6.16 -13.65 -9.70
C LYS A 43 -5.42 -13.95 -8.40
N HIS A 44 -5.30 -12.95 -7.53
CA HIS A 44 -4.59 -13.09 -6.28
C HIS A 44 -5.47 -13.44 -5.12
N LEU A 45 -6.78 -13.53 -5.34
CA LEU A 45 -7.64 -13.82 -4.26
C LEU A 45 -7.29 -15.19 -3.70
N PHE A 46 -7.28 -15.26 -2.38
CA PHE A 46 -7.01 -16.49 -1.63
C PHE A 46 -5.72 -17.19 -2.03
N HIS A 47 -4.74 -16.40 -2.42
CA HIS A 47 -3.49 -16.91 -3.01
C HIS A 47 -2.87 -18.10 -2.28
N ASP A 48 -2.70 -17.98 -0.97
CA ASP A 48 -1.95 -18.96 -0.19
C ASP A 48 -2.76 -20.24 0.02
N LEU A 49 -4.08 -20.10 0.01
CA LEU A 49 -4.98 -21.29 -0.02
C LEU A 49 -5.17 -21.89 -1.44
N ARG A 50 -4.97 -21.07 -2.49
CA ARG A 50 -5.45 -21.39 -3.84
C ARG A 50 -4.43 -22.00 -4.74
N TYR A 51 -3.17 -21.68 -4.53
CA TYR A 51 -2.08 -22.09 -5.39
C TYR A 51 -1.05 -22.90 -4.59
N LEU A 52 -0.52 -23.94 -5.20
CA LEU A 52 0.55 -24.73 -4.62
C LEU A 52 1.94 -24.18 -4.99
N ASP A 53 2.04 -23.45 -6.10
CA ASP A 53 3.34 -22.88 -6.54
C ASP A 53 3.45 -21.41 -6.16
N ASP A 54 4.52 -20.73 -6.58
CA ASP A 54 4.70 -19.30 -6.33
C ASP A 54 4.38 -18.37 -7.50
N LYS A 55 3.97 -18.90 -8.65
CA LYS A 55 3.62 -18.11 -9.82
CA LYS A 55 3.62 -18.10 -9.82
C LYS A 55 2.14 -18.28 -10.20
N GLU A 56 1.30 -18.59 -9.23
CA GLU A 56 -0.12 -18.64 -9.48
C GLU A 56 -0.48 -19.47 -10.69
N SER A 57 0.19 -20.59 -10.88
CA SER A 57 -0.08 -21.47 -12.06
C SER A 57 -0.50 -22.93 -11.74
N VAL A 58 -0.43 -23.34 -10.48
CA VAL A 58 -0.73 -24.73 -10.06
C VAL A 58 -1.76 -24.66 -8.95
N LEU A 59 -2.96 -25.20 -9.22
CA LEU A 59 -4.04 -25.05 -8.29
C LEU A 59 -3.98 -26.06 -7.14
N ASN A 60 -4.22 -25.55 -5.95
CA ASN A 60 -4.52 -26.45 -4.81
C ASN A 60 -5.97 -26.98 -4.96
N ASP A 62 -7.59 -29.00 -3.18
CA ASP A 62 -8.30 -29.10 -1.91
C ASP A 62 -8.97 -27.79 -1.49
N PHE A 63 -8.73 -26.71 -2.24
CA PHE A 63 -9.42 -25.46 -2.04
C PHE A 63 -10.71 -25.47 -2.86
N ASN A 64 -11.82 -25.31 -2.20
CA ASN A 64 -13.10 -25.50 -2.89
C ASN A 64 -13.30 -24.63 -4.13
N LEU A 65 -12.84 -23.39 -4.11
CA LEU A 65 -13.03 -22.48 -5.27
C LEU A 65 -12.36 -22.96 -6.51
N ASN A 66 -11.42 -23.91 -6.39
CA ASN A 66 -10.74 -24.49 -7.53
C ASN A 66 -11.49 -25.66 -8.22
N LYS A 67 -12.47 -26.24 -7.53
CA LYS A 67 -13.19 -27.41 -8.02
C LYS A 67 -14.23 -27.08 -9.11
N LYS A 68 -14.43 -28.00 -10.04
CA LYS A 68 -15.42 -27.75 -11.08
C LYS A 68 -16.79 -27.43 -10.51
N GLU A 69 -17.18 -28.06 -9.39
CA GLU A 69 -18.55 -27.85 -8.86
CA GLU A 69 -18.54 -27.88 -8.83
C GLU A 69 -18.71 -26.39 -8.43
N TYR A 70 -17.60 -25.74 -8.13
CA TYR A 70 -17.59 -24.32 -7.73
C TYR A 70 -17.08 -23.29 -8.76
N GLN A 71 -17.06 -23.69 -10.02
CA GLN A 71 -16.69 -22.77 -11.06
C GLN A 71 -17.69 -21.64 -11.08
N ASN A 72 -17.21 -20.47 -11.44
CA ASN A 72 -18.04 -19.27 -11.49
CA ASN A 72 -18.06 -19.31 -11.52
C ASN A 72 -18.74 -18.91 -10.17
N SER A 73 -18.09 -19.15 -9.05
CA SER A 73 -18.67 -18.80 -7.74
C SER A 73 -18.86 -17.30 -7.65
N SER A 74 -20.03 -16.85 -7.17
CA SER A 74 -20.27 -15.44 -6.91
C SER A 74 -20.78 -15.15 -5.50
N ILE A 75 -20.95 -16.23 -4.73
CA ILE A 75 -21.27 -16.18 -3.29
C ILE A 75 -20.37 -17.09 -2.48
N LEU A 76 -19.93 -16.61 -1.32
CA LEU A 76 -19.10 -17.39 -0.41
C LEU A 76 -19.86 -17.62 0.88
N VAL A 77 -19.68 -18.79 1.47
CA VAL A 77 -20.21 -19.08 2.78
C VAL A 77 -19.05 -19.48 3.66
N SER A 78 -18.78 -18.68 4.68
CA SER A 78 -17.66 -18.91 5.59
C SER A 78 -18.06 -18.87 7.06
N PHE A 79 -17.08 -19.02 7.94
CA PHE A 79 -17.36 -19.06 9.33
C PHE A 79 -17.03 -17.69 9.91
N GLU A 80 -16.91 -17.60 11.23
CA GLU A 80 -16.93 -16.32 11.92
C GLU A 80 -15.70 -15.47 11.69
N ASN A 81 -15.89 -14.17 11.91
CA ASN A 81 -14.83 -13.18 11.87
C ASN A 81 -14.15 -13.16 10.51
N PHE A 82 -14.96 -13.22 9.47
CA PHE A 82 -14.44 -13.15 8.14
C PHE A 82 -13.89 -11.76 7.87
N GLY A 83 -12.69 -11.70 7.34
CA GLY A 83 -12.12 -10.38 7.01
C GLY A 83 -11.32 -9.78 8.12
N SER A 84 -11.05 -10.57 9.15
CA SER A 84 -10.17 -10.17 10.27
C SER A 84 -8.89 -9.46 9.80
N GLY A 85 -8.62 -8.32 10.45
CA GLY A 85 -7.37 -7.58 10.27
C GLY A 85 -7.58 -6.09 10.20
N SER A 86 -6.49 -5.36 10.01
CA SER A 86 -6.57 -3.93 9.80
C SER A 86 -7.06 -3.59 8.38
N SER A 87 -7.44 -2.32 8.19
CA SER A 87 -7.94 -1.86 6.90
C SER A 87 -7.06 -2.43 5.79
N ARG A 88 -7.69 -3.05 4.81
CA ARG A 88 -7.04 -3.47 3.57
C ARG A 88 -8.10 -3.35 2.51
N GLU A 89 -8.11 -2.21 1.84
CA GLU A 89 -9.09 -1.97 0.78
CA GLU A 89 -9.11 -1.97 0.79
C GLU A 89 -9.02 -3.03 -0.32
N HIS A 90 -7.82 -3.53 -0.60
CA HIS A 90 -7.61 -4.58 -1.59
C HIS A 90 -8.38 -5.90 -1.31
N ALA A 91 -8.70 -6.20 -0.05
CA ALA A 91 -9.37 -7.44 0.27
C ALA A 91 -10.75 -7.44 -0.38
N PRO A 92 -11.61 -6.45 -0.08
CA PRO A 92 -12.84 -6.36 -0.91
C PRO A 92 -12.62 -6.28 -2.43
N TRP A 93 -11.65 -5.53 -2.87
CA TRP A 93 -11.34 -5.48 -4.30
C TRP A 93 -11.03 -6.87 -4.94
N ALA A 94 -10.19 -7.65 -4.29
CA ALA A 94 -9.87 -8.97 -4.83
C ALA A 94 -11.10 -9.85 -4.91
N LEU A 95 -11.93 -9.79 -3.88
CA LEU A 95 -13.17 -10.55 -3.86
C LEU A 95 -14.10 -10.13 -4.99
N VAL A 96 -14.36 -8.81 -5.13
CA VAL A 96 -15.26 -8.32 -6.21
CA VAL A 96 -15.27 -8.36 -6.21
C VAL A 96 -14.69 -8.59 -7.60
N ASP A 97 -13.40 -8.34 -7.78
CA ASP A 97 -12.76 -8.56 -9.08
C ASP A 97 -12.82 -10.06 -9.45
N TYR A 98 -12.78 -10.95 -8.47
CA TYR A 98 -12.89 -12.40 -8.77
C TYR A 98 -14.28 -12.71 -9.25
N GLY A 99 -15.21 -11.89 -8.80
CA GLY A 99 -16.62 -12.12 -9.10
C GLY A 99 -17.52 -12.38 -7.90
N ILE A 100 -17.00 -12.23 -6.68
CA ILE A 100 -17.84 -12.44 -5.52
C ILE A 100 -18.74 -11.24 -5.24
N ARG A 101 -20.05 -11.48 -5.19
CA ARG A 101 -21.03 -10.42 -4.99
C ARG A 101 -21.55 -10.35 -3.53
N ALA A 102 -21.48 -11.48 -2.82
CA ALA A 102 -21.99 -11.58 -1.43
C ALA A 102 -21.23 -12.63 -0.64
N ILE A 103 -21.07 -12.39 0.65
CA ILE A 103 -20.54 -13.37 1.57
C ILE A 103 -21.53 -13.60 2.70
N ILE A 104 -21.82 -14.86 3.02
CA ILE A 104 -22.66 -15.25 4.12
C ILE A 104 -21.72 -15.80 5.19
N ALA A 105 -21.79 -15.25 6.40
CA ALA A 105 -20.98 -15.74 7.52
C ALA A 105 -21.73 -15.40 8.80
N PRO A 106 -21.32 -15.94 9.95
CA PRO A 106 -21.96 -15.57 11.21
C PRO A 106 -21.59 -14.16 11.70
N SER A 107 -20.38 -13.70 11.32
CA SER A 107 -19.89 -12.39 11.66
C SER A 107 -18.77 -11.96 10.69
N PHE A 108 -18.47 -10.66 10.69
CA PHE A 108 -17.44 -10.06 9.85
C PHE A 108 -16.68 -9.09 10.71
N ALA A 109 -15.37 -9.03 10.48
CA ALA A 109 -14.54 -8.05 11.10
C ALA A 109 -15.10 -6.68 10.71
N ASP A 110 -15.27 -5.81 11.70
CA ASP A 110 -15.93 -4.52 11.49
C ASP A 110 -15.31 -3.74 10.34
N ILE A 111 -14.00 -3.67 10.29
CA ILE A 111 -13.34 -2.82 9.29
C ILE A 111 -13.62 -3.36 7.87
N PHE A 112 -13.46 -4.67 7.69
CA PHE A 112 -13.68 -5.27 6.39
C PHE A 112 -15.13 -5.11 5.97
N LYS A 113 -16.06 -5.29 6.93
CA LYS A 113 -17.46 -5.17 6.59
C LYS A 113 -17.75 -3.80 5.92
N ASN A 114 -17.26 -2.73 6.52
CA ASN A 114 -17.56 -1.39 6.03
C ASN A 114 -16.92 -1.15 4.67
N ASN A 115 -15.68 -1.62 4.51
CA ASN A 115 -15.02 -1.53 3.22
C ASN A 115 -15.71 -2.35 2.17
N ALA A 116 -16.19 -3.53 2.54
CA ALA A 116 -16.82 -4.38 1.56
C ALA A 116 -18.12 -3.74 1.09
N LEU A 117 -18.91 -3.27 2.04
CA LEU A 117 -20.19 -2.63 1.76
C LEU A 117 -19.96 -1.38 0.92
N GLY A 118 -18.90 -0.66 1.24
CA GLY A 118 -18.46 0.45 0.39
C GLY A 118 -18.14 0.08 -1.06
N ASN A 119 -17.81 -1.17 -1.31
CA ASN A 119 -17.39 -1.59 -2.62
C ASN A 119 -18.43 -2.46 -3.27
N GLY A 120 -19.62 -2.47 -2.69
CA GLY A 120 -20.78 -3.16 -3.32
C GLY A 120 -20.76 -4.65 -3.09
N LEU A 121 -19.94 -5.09 -2.13
CA LEU A 121 -19.84 -6.48 -1.73
C LEU A 121 -20.79 -6.72 -0.54
N LEU A 122 -21.93 -7.39 -0.76
CA LEU A 122 -22.92 -7.57 0.29
C LEU A 122 -22.54 -8.58 1.35
N THR A 123 -22.51 -8.11 2.59
CA THR A 123 -22.11 -8.92 3.71
C THR A 123 -23.35 -9.31 4.55
N ILE A 124 -23.66 -10.59 4.51
CA ILE A 124 -24.86 -11.17 5.10
C ILE A 124 -24.48 -11.91 6.35
N GLU A 125 -24.95 -11.40 7.47
CA GLU A 125 -24.69 -12.04 8.76
C GLU A 125 -25.87 -12.95 9.04
N LEU A 126 -25.58 -14.25 9.21
CA LEU A 126 -26.58 -15.23 9.63
C LEU A 126 -26.21 -15.83 10.98
N ALA A 127 -27.19 -16.34 11.73
CA ALA A 127 -26.85 -17.08 12.94
C ALA A 127 -25.97 -18.29 12.56
N LYS A 128 -25.02 -18.62 13.43
CA LYS A 128 -24.06 -19.69 13.14
CA LYS A 128 -24.05 -19.70 13.16
C LYS A 128 -24.75 -21.00 12.78
N ASP A 129 -25.84 -21.31 13.47
CA ASP A 129 -26.64 -22.49 13.12
CA ASP A 129 -26.68 -22.46 13.13
C ASP A 129 -27.11 -22.44 11.68
N GLU A 130 -27.48 -21.26 11.20
CA GLU A 130 -27.98 -21.13 9.84
C GLU A 130 -26.80 -21.29 8.86
N VAL A 131 -25.64 -20.72 9.19
CA VAL A 131 -24.42 -20.89 8.37
C VAL A 131 -24.04 -22.38 8.26
N LEU A 132 -24.15 -23.10 9.36
CA LEU A 132 -23.68 -24.48 9.46
C LEU A 132 -24.53 -25.38 8.60
N GLU A 133 -25.82 -25.10 8.66
CA GLU A 133 -26.83 -25.76 7.85
C GLU A 133 -26.62 -25.50 6.37
N ILE A 134 -26.42 -24.24 6.00
CA ILE A 134 -26.10 -23.87 4.58
C ILE A 134 -24.94 -24.65 4.00
N VAL A 135 -23.81 -24.64 4.70
CA VAL A 135 -22.60 -25.30 4.31
C VAL A 135 -22.86 -26.77 4.09
N ASP A 136 -23.54 -27.43 5.06
CA ASP A 136 -23.77 -28.86 4.95
C ASP A 136 -24.55 -29.18 3.69
N GLU A 137 -25.62 -28.46 3.47
CA GLU A 137 -26.44 -28.72 2.31
C GLU A 137 -25.68 -28.38 1.01
N LEU A 138 -24.93 -27.27 1.01
CA LEU A 138 -24.27 -26.79 -0.20
C LEU A 138 -23.25 -27.80 -0.71
N LYS A 139 -22.53 -28.38 0.24
CA LYS A 139 -21.55 -29.36 -0.09
C LYS A 139 -22.17 -30.60 -0.65
N LYS A 140 -23.25 -31.04 0.00
CA LYS A 140 -23.98 -32.21 -0.44
C LYS A 140 -24.67 -32.01 -1.78
N SER A 141 -25.05 -30.77 -2.11
CA SER A 141 -25.95 -30.58 -3.26
C SER A 141 -25.21 -30.50 -4.60
N GLN A 142 -25.85 -31.04 -5.63
CA GLN A 142 -25.34 -30.85 -6.98
C GLN A 142 -25.56 -29.42 -7.45
N ASP A 143 -26.68 -28.84 -7.06
CA ASP A 143 -26.98 -27.48 -7.46
C ASP A 143 -26.49 -26.53 -6.39
N LYS A 144 -25.56 -25.66 -6.78
CA LYS A 144 -24.85 -24.85 -5.84
C LYS A 144 -25.43 -23.44 -5.69
N ASN A 145 -26.49 -23.15 -6.47
CA ASN A 145 -27.03 -21.80 -6.54
C ASN A 145 -27.73 -21.43 -5.27
N ILE A 146 -27.44 -20.21 -4.79
CA ILE A 146 -28.17 -19.56 -3.73
C ILE A 146 -28.76 -18.27 -4.33
N GLU A 147 -29.96 -17.90 -3.89
CA GLU A 147 -30.52 -16.60 -4.32
C GLU A 147 -30.63 -15.63 -3.15
N ILE A 148 -30.33 -14.36 -3.40
CA ILE A 148 -30.33 -13.33 -2.36
C ILE A 148 -31.10 -12.13 -2.86
N SER A 149 -32.09 -11.68 -2.09
CA SER A 149 -32.80 -10.45 -2.37
C SER A 149 -32.43 -9.41 -1.31
N LEU A 150 -31.85 -8.30 -1.72
CA LEU A 150 -31.51 -7.24 -0.77
C LEU A 150 -32.74 -6.37 -0.50
N LEU A 151 -33.75 -6.45 -1.38
CA LEU A 151 -35.04 -5.82 -1.13
C LEU A 151 -35.75 -6.47 0.04
N GLU A 152 -35.81 -7.78 0.04
CA GLU A 152 -36.53 -8.48 1.09
C GLU A 152 -35.65 -8.80 2.26
N LYS A 153 -34.35 -8.56 2.10
CA LYS A 153 -33.34 -8.96 3.05
C LYS A 153 -33.50 -10.42 3.43
N ARG A 154 -33.54 -11.25 2.40
CA ARG A 154 -33.65 -12.72 2.53
C ARG A 154 -32.63 -13.50 1.63
N VAL A 155 -32.31 -14.72 2.04
CA VAL A 155 -31.50 -15.68 1.30
C VAL A 155 -32.30 -16.95 1.07
N PHE A 156 -32.34 -17.38 -0.18
CA PHE A 156 -33.18 -18.50 -0.60
C PHE A 156 -32.24 -19.59 -1.05
N PHE A 157 -32.24 -20.71 -0.34
CA PHE A 157 -31.46 -21.89 -0.74
C PHE A 157 -32.35 -23.13 -0.68
N LYS A 158 -32.64 -23.67 -1.85
CA LYS A 158 -33.57 -24.79 -1.98
C LYS A 158 -34.91 -24.22 -1.55
N ASP A 159 -35.59 -24.87 -0.61
CA ASP A 159 -36.85 -24.37 -0.05
C ASP A 159 -36.71 -23.61 1.29
N LYS A 160 -35.48 -23.43 1.78
CA LYS A 160 -35.22 -22.73 3.04
C LYS A 160 -34.94 -21.25 2.87
N ILE A 161 -35.43 -20.44 3.82
CA ILE A 161 -35.33 -18.98 3.75
C ILE A 161 -34.71 -18.47 5.01
N PHE A 162 -33.73 -17.59 4.88
CA PHE A 162 -33.08 -16.99 6.01
C PHE A 162 -33.26 -15.51 5.87
N SER A 163 -33.41 -14.80 6.98
CA SER A 163 -33.49 -13.33 6.97
CA SER A 163 -33.49 -13.34 6.94
C SER A 163 -32.22 -12.73 7.52
N PHE A 164 -31.89 -11.51 7.08
CA PHE A 164 -30.73 -10.77 7.59
C PHE A 164 -30.96 -9.25 7.73
N ASP A 165 -30.11 -8.63 8.52
CA ASP A 165 -30.15 -7.20 8.77
C ASP A 165 -29.14 -6.44 7.91
N LEU A 166 -29.40 -5.17 7.67
CA LEU A 166 -28.39 -4.28 7.13
C LEU A 166 -28.80 -2.83 7.34
N ASP A 167 -27.86 -2.03 7.83
CA ASP A 167 -28.05 -0.59 8.02
C ASP A 167 -28.78 -0.02 6.78
N ASP A 168 -29.81 0.82 6.95
CA ASP A 168 -30.57 1.34 5.82
C ASP A 168 -29.71 2.13 4.81
N PHE A 169 -28.71 2.84 5.30
CA PHE A 169 -27.89 3.65 4.44
C PHE A 169 -27.06 2.77 3.51
N HIS A 170 -26.40 1.75 4.07
CA HIS A 170 -25.63 0.81 3.26
C HIS A 170 -26.53 0.12 2.25
N ARG A 171 -27.73 -0.22 2.69
CA ARG A 171 -28.66 -0.96 1.84
C ARG A 171 -29.09 -0.13 0.68
N ILE A 172 -29.46 1.12 0.92
CA ILE A 172 -29.93 1.94 -0.18
C ILE A 172 -28.80 2.25 -1.15
N CYS A 173 -27.59 2.48 -0.66
CA CYS A 173 -26.42 2.59 -1.54
C CYS A 173 -26.29 1.36 -2.45
N LEU A 174 -26.37 0.14 -1.91
CA LEU A 174 -26.25 -1.08 -2.73
CA LEU A 174 -26.25 -1.07 -2.75
C LEU A 174 -27.43 -1.19 -3.70
N LEU A 175 -28.66 -0.94 -3.21
CA LEU A 175 -29.82 -1.00 -4.10
C LEU A 175 -29.77 -0.01 -5.28
N GLU A 176 -29.28 1.19 -5.04
CA GLU A 176 -29.20 2.19 -6.11
C GLU A 176 -27.81 2.30 -6.73
N GLY A 177 -26.85 1.53 -6.24
CA GLY A 177 -25.47 1.59 -6.72
C GLY A 177 -24.89 2.99 -6.53
N LEU A 178 -25.02 3.51 -5.31
CA LEU A 178 -24.55 4.84 -4.94
C LEU A 178 -23.22 4.75 -4.21
N ASP A 179 -22.25 5.53 -4.70
CA ASP A 179 -20.84 5.44 -4.27
C ASP A 179 -20.48 6.21 -2.99
N ASN A 180 -21.32 6.19 -1.95
CA ASN A 180 -21.19 7.20 -0.86
C ASN A 180 -20.72 6.73 0.53
N ILE A 181 -20.11 5.55 0.59
CA ILE A 181 -19.74 4.95 1.88
C ILE A 181 -18.28 5.26 2.24
N GLN B 5 28.73 1.26 -0.75
CA GLN B 5 27.52 0.65 -0.22
C GLN B 5 26.52 0.18 -1.30
N LYS B 6 25.98 -1.03 -1.19
CA LYS B 6 24.92 -1.45 -2.13
C LYS B 6 23.57 -0.89 -1.68
N PHE B 7 22.70 -0.58 -2.64
CA PHE B 7 21.29 -0.31 -2.34
C PHE B 7 20.45 -1.41 -2.97
N ILE B 8 20.05 -2.39 -2.19
CA ILE B 8 19.23 -3.47 -2.72
C ILE B 8 17.85 -3.33 -2.09
N ILE B 9 17.73 -3.72 -0.82
CA ILE B 9 16.56 -3.39 -0.03
C ILE B 9 16.98 -2.50 1.14
N HIS B 10 16.26 -1.39 1.28
CA HIS B 10 16.48 -0.54 2.41
C HIS B 10 15.17 -0.20 3.09
N LYS B 11 15.20 -0.45 4.38
CA LYS B 11 14.15 -0.17 5.33
C LYS B 11 14.64 0.92 6.20
N GLY B 12 13.93 2.03 6.24
CA GLY B 12 14.43 3.17 7.00
C GLY B 12 13.35 4.04 7.55
N ILE B 13 13.74 4.83 8.54
CA ILE B 13 12.90 5.89 9.11
C ILE B 13 12.81 7.01 8.07
N ALA B 14 11.58 7.41 7.76
CA ALA B 14 11.30 8.38 6.74
C ALA B 14 10.82 9.63 7.41
N CYS B 15 11.18 10.77 6.86
CA CYS B 15 10.86 12.06 7.47
C CYS B 15 10.29 12.94 6.39
N PRO B 16 9.09 13.49 6.63
CA PRO B 16 8.53 14.35 5.59
C PRO B 16 9.02 15.78 5.75
N LEU B 17 9.46 16.40 4.65
CA LEU B 17 9.85 17.83 4.59
C LEU B 17 8.94 18.46 3.58
N GLU B 18 7.91 19.13 4.09
CA GLU B 18 6.82 19.60 3.29
C GLU B 18 7.10 20.93 2.63
N TYR B 19 8.08 20.92 1.73
CA TYR B 19 8.52 22.10 0.98
C TYR B 19 8.78 21.67 -0.45
N ALA B 20 8.29 22.47 -1.40
CA ALA B 20 8.59 22.32 -2.80
C ALA B 20 9.81 23.17 -3.08
N ASN B 21 10.54 22.78 -4.12
CA ASN B 21 11.65 23.53 -4.64
C ASN B 21 12.70 23.69 -3.56
N ILE B 22 12.89 22.64 -2.74
CA ILE B 22 13.99 22.60 -1.76
C ILE B 22 15.27 22.76 -2.54
N ASP B 23 16.09 23.75 -2.24
CA ASP B 23 17.15 24.10 -3.17
C ASP B 23 18.55 23.82 -2.59
N THR B 24 19.57 23.94 -3.44
CA THR B 24 20.89 23.48 -3.10
C THR B 24 21.46 24.31 -1.96
N ASP B 25 21.02 25.55 -1.82
CA ASP B 25 21.43 26.39 -0.68
C ASP B 25 20.80 26.04 0.62
N GLN B 26 19.57 25.57 0.57
CA GLN B 26 18.93 25.05 1.76
C GLN B 26 19.65 23.77 2.14
N ILE B 27 19.96 22.94 1.14
CA ILE B 27 20.59 21.63 1.41
C ILE B 27 21.98 21.82 2.08
N ILE B 28 22.80 22.69 1.49
CA ILE B 28 24.09 23.00 2.04
C ILE B 28 24.53 24.43 1.64
N PRO B 29 24.48 25.36 2.59
CA PRO B 29 24.77 26.76 2.27
C PRO B 29 26.18 27.02 1.74
N LYS B 30 26.33 28.02 0.87
CA LYS B 30 27.54 28.14 0.06
C LYS B 30 28.76 28.42 0.92
N GLN B 31 28.53 28.99 2.10
CA GLN B 31 29.65 29.29 2.97
CA GLN B 31 29.61 29.30 3.03
C GLN B 31 30.44 28.05 3.39
N PHE B 32 29.82 26.89 3.33
CA PHE B 32 30.49 25.63 3.76
C PHE B 32 31.40 25.01 2.67
N LEU B 33 31.39 25.59 1.47
CA LEU B 33 32.21 25.17 0.34
C LEU B 33 33.50 25.95 0.23
N LEU B 34 33.75 26.89 1.15
CA LEU B 34 34.73 27.95 0.91
C LEU B 34 36.07 27.80 1.66
N ALA B 35 36.08 27.04 2.75
CA ALA B 35 37.34 26.77 3.42
C ALA B 35 37.41 25.34 4.02
N VAL B 36 38.65 24.88 4.19
CA VAL B 36 38.93 23.62 4.83
C VAL B 36 38.37 23.74 6.26
N SER B 37 37.76 22.68 6.77
CA SER B 37 37.27 22.71 8.14
C SER B 37 37.26 21.35 8.80
N LYS B 38 36.93 21.34 10.09
CA LYS B 38 36.88 20.12 10.93
CA LYS B 38 36.93 20.08 10.85
C LYS B 38 35.66 19.25 10.63
N GLN B 39 34.59 19.89 10.16
CA GLN B 39 33.30 19.23 10.07
C GLN B 39 32.98 18.72 8.68
N GLY B 40 32.41 17.51 8.61
CA GLY B 40 31.91 16.94 7.36
C GLY B 40 30.63 17.64 6.96
N PHE B 41 30.18 17.42 5.72
CA PHE B 41 29.04 18.13 5.14
C PHE B 41 27.71 17.71 5.79
N GLY B 42 27.67 16.52 6.38
CA GLY B 42 26.44 16.07 7.09
C GLY B 42 26.00 16.96 8.24
N LYS B 43 26.96 17.49 9.00
CA LYS B 43 26.63 18.41 10.08
C LYS B 43 26.03 19.71 9.59
N HIS B 44 26.36 20.10 8.36
CA HIS B 44 25.84 21.30 7.75
C HIS B 44 24.54 21.10 7.03
N LEU B 45 24.09 19.86 6.90
CA LEU B 45 22.92 19.61 6.08
C LEU B 45 21.71 20.41 6.58
N PHE B 46 21.02 21.09 5.66
CA PHE B 46 19.85 21.89 6.01
C PHE B 46 20.08 22.92 7.08
N HIS B 47 21.32 23.42 7.14
CA HIS B 47 21.76 24.35 8.18
C HIS B 47 20.75 25.40 8.54
N ASP B 48 20.24 26.13 7.56
CA ASP B 48 19.42 27.30 7.88
C ASP B 48 18.11 26.89 8.54
N LEU B 49 17.57 25.75 8.15
CA LEU B 49 16.35 25.19 8.72
C LEU B 49 16.60 24.44 9.99
N ARG B 50 17.84 23.99 10.19
CA ARG B 50 18.16 23.02 11.21
C ARG B 50 18.64 23.59 12.54
N TYR B 51 19.36 24.72 12.51
CA TYR B 51 19.91 25.33 13.69
C TYR B 51 19.36 26.74 13.90
N LEU B 52 19.32 27.22 15.13
CA LEU B 52 18.77 28.57 15.42
C LEU B 52 19.86 29.66 15.55
N ASP B 53 21.06 29.23 15.83
CA ASP B 53 22.21 30.08 15.90
C ASP B 53 23.02 30.09 14.59
N ASP B 54 24.23 30.60 14.68
CA ASP B 54 25.19 30.61 13.61
C ASP B 54 26.29 29.55 13.84
N LYS B 55 26.35 28.96 15.05
CA LYS B 55 27.40 27.99 15.40
C LYS B 55 26.97 26.52 15.49
N GLU B 56 25.82 26.18 14.91
CA GLU B 56 25.37 24.78 14.86
C GLU B 56 25.24 24.05 16.22
N SER B 57 24.72 24.76 17.23
CA SER B 57 24.51 24.15 18.57
C SER B 57 23.07 24.15 19.05
N VAL B 58 22.32 25.15 18.62
CA VAL B 58 20.97 25.28 19.02
C VAL B 58 20.22 24.64 17.88
N LEU B 59 19.51 23.55 18.17
CA LEU B 59 18.62 22.90 17.22
C LEU B 59 17.30 23.62 17.04
N ASN B 60 16.84 23.71 15.82
CA ASN B 60 15.52 24.21 15.62
C ASN B 60 14.55 23.02 15.77
N ASP B 62 11.45 22.80 15.46
CA ASP B 62 10.33 22.86 14.54
C ASP B 62 10.70 22.21 13.22
N PHE B 63 12.01 21.86 13.03
CA PHE B 63 12.46 21.21 11.81
C PHE B 63 12.35 19.68 12.02
N ASN B 64 11.62 18.99 11.13
CA ASN B 64 11.23 17.58 11.45
C ASN B 64 12.41 16.64 11.71
N LEU B 65 13.54 16.82 10.99
CA LEU B 65 14.70 15.96 11.16
C LEU B 65 15.32 16.02 12.53
N ASN B 66 15.04 17.09 13.30
CA ASN B 66 15.52 17.25 14.66
C ASN B 66 14.60 16.64 15.76
N LYS B 67 13.41 16.19 15.36
CA LYS B 67 12.41 15.68 16.31
C LYS B 67 12.73 14.25 16.63
N LYS B 68 12.37 13.85 17.83
CA LYS B 68 12.68 12.54 18.35
C LYS B 68 12.08 11.46 17.49
N GLU B 69 10.85 11.70 16.99
CA GLU B 69 10.16 10.74 16.17
C GLU B 69 10.90 10.50 14.85
N TYR B 70 11.80 11.44 14.45
CA TYR B 70 12.56 11.25 13.23
C TYR B 70 14.05 11.02 13.41
N GLN B 71 14.44 10.61 14.63
CA GLN B 71 15.81 10.14 14.84
C GLN B 71 16.16 8.99 13.93
N ASN B 72 17.40 9.01 13.44
CA ASN B 72 17.92 7.99 12.49
CA ASN B 72 17.93 8.02 12.53
C ASN B 72 17.25 7.97 11.13
N SER B 73 16.77 9.13 10.68
CA SER B 73 16.13 9.21 9.37
C SER B 73 17.15 8.90 8.26
N SER B 74 16.73 8.05 7.31
CA SER B 74 17.57 7.68 6.15
C SER B 74 16.80 7.78 4.83
N ILE B 75 15.53 8.12 4.96
CA ILE B 75 14.66 8.48 3.82
C ILE B 75 14.01 9.83 4.04
N LEU B 76 14.04 10.68 3.01
CA LEU B 76 13.28 11.93 3.05
C LEU B 76 12.12 11.83 2.10
N VAL B 77 11.03 12.47 2.45
CA VAL B 77 9.91 12.57 1.53
C VAL B 77 9.61 14.07 1.41
N SER B 78 9.57 14.58 0.17
CA SER B 78 9.40 16.01 -0.05
CA SER B 78 9.41 16.03 -0.07
C SER B 78 8.50 16.29 -1.25
N PHE B 79 8.30 17.56 -1.53
CA PHE B 79 7.50 17.99 -2.64
C PHE B 79 8.34 18.25 -3.90
N GLU B 80 7.72 18.86 -4.91
CA GLU B 80 8.26 18.85 -6.29
CA GLU B 80 8.26 18.89 -6.29
C GLU B 80 9.57 19.60 -6.39
N ASN B 81 10.34 19.26 -7.43
CA ASN B 81 11.54 20.04 -7.79
CA ASN B 81 11.56 20.04 -7.76
C ASN B 81 12.59 20.04 -6.64
N PHE B 82 12.73 18.89 -5.97
CA PHE B 82 13.76 18.74 -4.95
C PHE B 82 15.18 18.90 -5.59
N GLY B 83 15.99 19.73 -4.96
CA GLY B 83 17.38 19.93 -5.36
C GLY B 83 17.59 20.97 -6.43
N SER B 84 16.63 21.87 -6.54
CA SER B 84 16.69 22.95 -7.49
CA SER B 84 16.68 22.99 -7.47
C SER B 84 17.83 23.93 -7.12
N GLY B 85 18.17 24.80 -8.06
CA GLY B 85 19.06 25.94 -7.76
C GLY B 85 20.46 25.74 -8.22
N SER B 86 21.39 26.51 -7.66
CA SER B 86 22.71 26.59 -8.24
C SER B 86 23.27 25.18 -8.24
N SER B 87 24.03 24.84 -9.29
CA SER B 87 24.58 23.49 -9.39
CA SER B 87 24.61 23.52 -9.42
C SER B 87 25.59 23.31 -8.30
N ARG B 88 25.45 22.24 -7.56
CA ARG B 88 26.27 22.09 -6.39
C ARG B 88 26.53 20.65 -6.22
N GLU B 89 27.68 20.22 -6.71
CA GLU B 89 27.87 18.81 -6.86
C GLU B 89 27.96 18.08 -5.50
N HIS B 90 27.96 18.84 -4.40
CA HIS B 90 28.06 18.21 -3.08
CA HIS B 90 28.12 18.41 -3.02
C HIS B 90 26.85 18.47 -2.15
N ALA B 91 25.72 18.94 -2.71
CA ALA B 91 24.45 18.81 -2.02
C ALA B 91 24.08 17.31 -1.80
N PRO B 92 24.30 16.45 -2.81
CA PRO B 92 24.13 15.00 -2.51
C PRO B 92 25.05 14.51 -1.42
N TRP B 93 26.29 14.96 -1.42
CA TRP B 93 27.21 14.51 -0.39
CA TRP B 93 27.21 14.49 -0.41
C TRP B 93 26.72 14.89 0.99
N ALA B 94 26.18 16.11 1.14
CA ALA B 94 25.70 16.54 2.46
C ALA B 94 24.60 15.55 2.94
N LEU B 95 23.70 15.22 2.04
CA LEU B 95 22.65 14.30 2.35
C LEU B 95 23.18 12.88 2.69
N VAL B 96 24.02 12.34 1.84
CA VAL B 96 24.66 11.04 2.13
C VAL B 96 25.45 11.01 3.46
N ASP B 97 26.25 12.04 3.74
CA ASP B 97 27.07 12.05 4.94
C ASP B 97 26.15 12.08 6.18
N TYR B 98 25.00 12.72 6.07
CA TYR B 98 24.03 12.74 7.17
C TYR B 98 23.37 11.40 7.39
N GLY B 99 23.26 10.58 6.32
CA GLY B 99 22.69 9.22 6.39
C GLY B 99 21.49 8.98 5.54
N ILE B 100 21.13 9.97 4.69
CA ILE B 100 19.99 9.81 3.79
C ILE B 100 20.45 8.89 2.69
N ARG B 101 19.65 7.85 2.45
CA ARG B 101 19.92 6.84 1.41
CA ARG B 101 19.92 6.84 1.43
C ARG B 101 18.99 7.02 0.24
N ALA B 102 17.82 7.62 0.49
CA ALA B 102 16.80 7.76 -0.57
C ALA B 102 16.01 9.01 -0.32
N ILE B 103 15.50 9.60 -1.39
CA ILE B 103 14.55 10.73 -1.29
C ILE B 103 13.38 10.38 -2.19
N ILE B 104 12.22 10.49 -1.62
CA ILE B 104 10.95 10.36 -2.34
C ILE B 104 10.30 11.74 -2.61
N ALA B 105 10.03 12.02 -3.88
CA ALA B 105 9.42 13.31 -4.27
C ALA B 105 8.72 13.19 -5.57
N PRO B 106 7.93 14.22 -5.95
CA PRO B 106 7.23 14.11 -7.24
C PRO B 106 8.19 14.35 -8.38
N SER B 107 9.29 15.07 -8.13
CA SER B 107 10.29 15.39 -9.13
C SER B 107 11.54 15.94 -8.46
N PHE B 108 12.63 15.90 -9.21
CA PHE B 108 13.93 16.42 -8.79
C PHE B 108 14.52 17.31 -9.89
N ALA B 109 15.34 18.29 -9.53
CA ALA B 109 16.06 19.04 -10.52
C ALA B 109 16.99 18.07 -11.21
N ASP B 110 17.10 18.15 -12.54
CA ASP B 110 17.81 17.13 -13.30
CA ASP B 110 17.85 17.16 -13.30
C ASP B 110 19.29 17.11 -12.88
N ILE B 111 19.87 18.26 -12.62
CA ILE B 111 21.33 18.29 -12.29
C ILE B 111 21.52 17.57 -10.97
N PHE B 112 20.65 17.87 -10.03
CA PHE B 112 20.73 17.24 -8.71
C PHE B 112 20.53 15.75 -8.83
N LYS B 113 19.50 15.34 -9.54
CA LYS B 113 19.22 13.95 -9.72
C LYS B 113 20.44 13.21 -10.25
N ASN B 114 21.06 13.74 -11.29
CA ASN B 114 22.16 12.99 -11.91
C ASN B 114 23.37 12.95 -11.00
N ASN B 115 23.62 14.03 -10.29
CA ASN B 115 24.65 14.00 -9.21
C ASN B 115 24.37 13.03 -8.01
N ALA B 116 23.11 12.97 -7.59
CA ALA B 116 22.71 12.10 -6.47
C ALA B 116 22.88 10.63 -6.83
N LEU B 117 22.31 10.24 -7.98
CA LEU B 117 22.38 8.89 -8.43
C LEU B 117 23.81 8.44 -8.68
N GLY B 118 24.70 9.36 -9.04
CA GLY B 118 26.10 9.01 -9.23
C GLY B 118 26.90 8.90 -7.95
N ASN B 119 26.36 9.42 -6.86
CA ASN B 119 26.99 9.45 -5.56
C ASN B 119 26.22 8.60 -4.53
N GLY B 120 25.48 7.59 -4.96
CA GLY B 120 24.94 6.63 -4.02
C GLY B 120 23.64 7.01 -3.34
N LEU B 121 22.98 8.06 -3.81
CA LEU B 121 21.74 8.55 -3.25
C LEU B 121 20.58 8.30 -4.21
N LEU B 122 19.61 7.50 -3.80
CA LEU B 122 18.52 7.10 -4.72
C LEU B 122 17.38 8.13 -4.70
N THR B 123 17.03 8.62 -5.87
CA THR B 123 15.99 9.62 -6.04
C THR B 123 14.85 8.88 -6.66
N ILE B 124 13.73 8.82 -5.93
CA ILE B 124 12.52 8.11 -6.33
C ILE B 124 11.44 9.11 -6.69
N GLU B 125 10.92 9.07 -7.91
CA GLU B 125 9.83 9.93 -8.32
C GLU B 125 8.51 9.14 -8.26
N LEU B 126 7.59 9.58 -7.43
CA LEU B 126 6.25 9.00 -7.35
C LEU B 126 5.29 10.05 -7.83
N ALA B 127 4.06 9.69 -8.13
CA ALA B 127 3.10 10.70 -8.43
C ALA B 127 2.89 11.60 -7.20
N LYS B 128 2.54 12.84 -7.44
CA LYS B 128 2.27 13.80 -6.37
C LYS B 128 1.18 13.36 -5.39
N ASP B 129 0.08 12.82 -5.90
CA ASP B 129 -0.96 12.27 -4.99
C ASP B 129 -0.45 11.12 -4.14
N GLU B 130 0.47 10.33 -4.68
CA GLU B 130 1.12 9.32 -3.88
C GLU B 130 2.01 9.95 -2.80
N VAL B 131 2.78 10.93 -3.19
CA VAL B 131 3.65 11.57 -2.25
C VAL B 131 2.80 12.19 -1.13
N LEU B 132 1.68 12.82 -1.49
CA LEU B 132 0.85 13.46 -0.51
C LEU B 132 0.25 12.45 0.48
N GLU B 133 -0.07 11.24 0.00
CA GLU B 133 -0.66 10.23 0.87
C GLU B 133 0.42 9.66 1.80
N ILE B 134 1.63 9.56 1.31
CA ILE B 134 2.71 9.04 2.14
C ILE B 134 3.04 10.08 3.20
N VAL B 135 3.06 11.35 2.82
CA VAL B 135 3.36 12.40 3.78
C VAL B 135 2.31 12.47 4.89
N ASP B 136 1.02 12.42 4.52
CA ASP B 136 -0.05 12.53 5.49
C ASP B 136 0.04 11.38 6.51
N GLU B 137 0.17 10.16 6.02
CA GLU B 137 0.28 9.01 6.89
C GLU B 137 1.56 9.02 7.73
N LEU B 138 2.67 9.43 7.12
CA LEU B 138 3.91 9.58 7.87
C LEU B 138 3.78 10.54 9.06
N LYS B 139 3.13 11.68 8.88
CA LYS B 139 2.96 12.65 9.97
C LYS B 139 2.09 12.10 11.09
N LYS B 140 1.09 11.33 10.74
CA LYS B 140 0.16 10.81 11.74
C LYS B 140 0.65 9.54 12.45
N SER B 141 1.61 8.87 11.86
CA SER B 141 1.93 7.52 12.28
C SER B 141 3.05 7.45 13.32
N GLN B 142 2.87 6.59 14.31
CA GLN B 142 3.90 6.31 15.29
C GLN B 142 5.09 5.58 14.62
N ASP B 143 4.77 4.78 13.60
CA ASP B 143 5.71 3.99 12.81
C ASP B 143 6.16 4.75 11.54
N LYS B 144 7.38 5.21 11.54
CA LYS B 144 7.93 6.02 10.42
C LYS B 144 8.63 5.20 9.35
N ASN B 145 8.63 3.88 9.45
CA ASN B 145 9.39 3.03 8.51
C ASN B 145 8.82 2.99 7.12
N ILE B 146 9.69 3.19 6.14
CA ILE B 146 9.37 2.95 4.75
C ILE B 146 10.40 1.93 4.23
N GLU B 147 9.95 0.97 3.45
CA GLU B 147 10.83 -0.02 2.85
C GLU B 147 10.88 0.18 1.35
N ILE B 148 12.09 0.17 0.80
CA ILE B 148 12.32 0.42 -0.62
C ILE B 148 13.10 -0.73 -1.23
N SER B 149 12.55 -1.33 -2.29
CA SER B 149 13.28 -2.34 -3.05
C SER B 149 13.76 -1.77 -4.38
N LEU B 150 15.04 -1.50 -4.53
CA LEU B 150 15.49 -1.07 -5.87
C LEU B 150 15.53 -2.27 -6.82
N LEU B 151 15.60 -3.49 -6.26
CA LEU B 151 15.55 -4.69 -7.09
C LEU B 151 14.19 -4.73 -7.81
N GLU B 152 13.09 -4.48 -7.06
CA GLU B 152 11.71 -4.51 -7.62
C GLU B 152 11.20 -3.15 -8.05
N LYS B 153 11.95 -2.09 -7.75
CA LYS B 153 11.51 -0.71 -8.03
C LYS B 153 10.15 -0.47 -7.42
N ARG B 154 10.07 -0.84 -6.15
CA ARG B 154 8.88 -0.64 -5.33
C ARG B 154 9.20 0.08 -4.00
N VAL B 155 8.28 0.91 -3.54
CA VAL B 155 8.26 1.47 -2.19
C VAL B 155 7.08 0.82 -1.43
N PHE B 156 7.35 0.37 -0.21
CA PHE B 156 6.33 -0.36 0.59
C PHE B 156 6.07 0.51 1.84
N PHE B 157 4.85 0.96 1.98
CA PHE B 157 4.48 1.82 3.11
C PHE B 157 3.04 1.58 3.43
N LYS B 158 2.84 1.26 4.69
CA LYS B 158 1.52 1.00 5.27
C LYS B 158 0.66 0.01 4.43
N ASP B 159 1.25 -1.14 4.10
CA ASP B 159 0.56 -2.11 3.26
C ASP B 159 0.09 -1.51 1.89
N LYS B 160 0.79 -0.52 1.35
CA LYS B 160 0.56 -0.15 -0.07
C LYS B 160 1.89 -0.27 -0.79
N ILE B 161 1.82 -0.50 -2.09
CA ILE B 161 2.99 -0.62 -2.91
C ILE B 161 2.94 0.45 -3.97
N PHE B 162 3.95 1.31 -3.98
CA PHE B 162 4.10 2.34 -4.99
C PHE B 162 5.24 1.94 -5.93
N SER B 163 5.03 2.12 -7.22
CA SER B 163 6.01 1.79 -8.27
CA SER B 163 6.06 1.79 -8.22
C SER B 163 6.79 3.02 -8.72
N PHE B 164 8.10 2.87 -8.98
CA PHE B 164 8.88 3.94 -9.59
C PHE B 164 9.79 3.41 -10.71
N ASP B 165 10.30 4.35 -11.51
CA ASP B 165 11.14 4.12 -12.70
CA ASP B 165 11.23 3.97 -12.59
C ASP B 165 12.55 4.68 -12.43
N LEU B 166 13.53 4.19 -13.18
CA LEU B 166 14.91 4.71 -13.03
C LEU B 166 15.74 4.23 -14.21
N ASP B 167 16.72 5.03 -14.59
CA ASP B 167 17.67 4.68 -15.63
C ASP B 167 18.33 3.32 -15.23
N ASP B 168 18.53 2.43 -16.21
CA ASP B 168 19.10 1.10 -15.91
C ASP B 168 20.52 1.18 -15.43
N PHE B 169 21.32 2.05 -16.08
CA PHE B 169 22.69 2.29 -15.63
C PHE B 169 22.74 2.69 -14.17
N HIS B 170 21.99 3.73 -13.82
CA HIS B 170 21.94 4.23 -12.45
C HIS B 170 21.45 3.14 -11.53
N ARG B 171 20.39 2.44 -11.94
CA ARG B 171 19.87 1.39 -11.10
C ARG B 171 20.93 0.31 -10.83
N ILE B 172 21.61 -0.13 -11.87
CA ILE B 172 22.56 -1.19 -11.69
C ILE B 172 23.78 -0.72 -10.84
N CYS B 173 24.19 0.54 -10.99
CA CYS B 173 25.30 1.05 -10.16
C CYS B 173 24.96 1.03 -8.68
N LEU B 174 23.73 1.42 -8.37
CA LEU B 174 23.32 1.43 -7.00
C LEU B 174 23.08 -0.01 -6.47
N LEU B 175 22.57 -0.89 -7.32
CA LEU B 175 22.27 -2.27 -6.92
C LEU B 175 23.52 -3.04 -6.57
N GLU B 176 24.59 -2.80 -7.31
CA GLU B 176 25.84 -3.57 -7.15
C GLU B 176 26.91 -2.82 -6.36
N GLY B 177 26.57 -1.60 -5.93
CA GLY B 177 27.55 -0.75 -5.26
C GLY B 177 28.72 -0.37 -6.13
N LEU B 178 28.43 0.09 -7.34
CA LEU B 178 29.48 0.38 -8.32
C LEU B 178 29.75 1.84 -8.37
N ASP B 179 31.02 2.18 -8.17
CA ASP B 179 31.48 3.57 -8.09
C ASP B 179 32.94 3.65 -8.51
N ASN B 180 33.28 4.83 -9.03
CA ASN B 180 34.66 5.22 -9.28
C ASN B 180 34.81 6.68 -8.90
N ILE B 181 35.65 6.92 -7.89
CA ILE B 181 35.93 8.26 -7.36
C ILE B 181 36.60 9.16 -8.44
N ALA B 182 37.18 8.53 -9.46
CA ALA B 182 37.79 9.24 -10.60
C ALA B 182 36.81 9.68 -11.69
N LEU B 183 35.57 9.19 -11.68
CA LEU B 183 34.57 9.58 -12.70
C LEU B 183 33.52 10.45 -12.03
#